data_3LW6
#
_entry.id   3LW6
#
_cell.length_a   81.835
_cell.length_b   81.835
_cell.length_c   133.656
_cell.angle_alpha   90.00
_cell.angle_beta   90.00
_cell.angle_gamma   90.00
#
_symmetry.space_group_name_H-M   'P 43 21 2'
#
loop_
_entity.id
_entity.type
_entity.pdbx_description
1 polymer 'Beta-4-galactosyltransferase 7'
2 non-polymer "URIDINE-5'-DIPHOSPHATE"
3 non-polymer (4S)-2-METHYL-2,4-PENTANEDIOL
4 non-polymer 'MANGANESE (II) ION'
5 water water
#
_entity_poly.entity_id   1
_entity_poly.type   'polypeptide(L)'
_entity_poly.pdbx_seq_one_letter_code
;ASMTGGQQMGRGSGPMLIEFNIPVDLKLVEQQNPKVKLGGRYTPMDGASVHKMALLVPFRDRFEELLQFVPHMTAFLKRQ
GVAHHIFVLNQVDRFRFNRASLINVGFQFASDVYDYIAMHDVDLLPLNDNLLYEYPSSLGPLHIAGPKLHPKYHYDNFVG
GILLVRREHFKQMNGMSNQYWGWGLEDDEFFVRIRDAGLQVTRPQNIKTGTNDTFSHIHNRYHRKRDTQKCFNQKEMTRK
RDHKTGLDNVKYKILKVHEMLIDQVPVTILNILLDCDVNKTPWCDCS
;
_entity_poly.pdbx_strand_id   A
#
# COMPACT_ATOMS: atom_id res chain seq x y z
N GLY A 47 2.97 12.28 30.27
CA GLY A 47 1.92 11.93 29.24
C GLY A 47 2.42 12.12 27.80
N ALA A 48 3.62 11.59 27.51
CA ALA A 48 4.29 11.77 26.21
C ALA A 48 3.42 11.32 25.02
N SER A 49 3.43 12.08 23.91
CA SER A 49 2.80 11.66 22.63
C SER A 49 3.68 10.62 21.91
N VAL A 50 3.07 9.68 21.18
CA VAL A 50 3.86 8.74 20.37
C VAL A 50 3.25 8.75 18.95
N HIS A 51 4.08 8.55 17.93
CA HIS A 51 3.56 8.39 16.55
C HIS A 51 2.74 7.12 16.44
N LYS A 52 1.77 7.09 15.52
CA LYS A 52 0.87 5.92 15.44
C LYS A 52 0.71 5.66 13.92
N MET A 53 0.84 4.40 13.52
CA MET A 53 0.94 4.05 12.12
C MET A 53 -0.29 3.30 11.71
N ALA A 54 -0.96 3.76 10.65
CA ALA A 54 -2.10 3.02 10.10
C ALA A 54 -1.48 2.11 9.01
N LEU A 55 -1.54 0.82 9.27
CA LEU A 55 -0.98 -0.17 8.35
C LEU A 55 -2.12 -0.48 7.33
N LEU A 56 -1.99 -0.01 6.10
CA LEU A 56 -3.04 -0.08 5.11
C LEU A 56 -2.73 -1.25 4.17
N VAL A 57 -3.59 -2.29 4.19
CA VAL A 57 -3.29 -3.53 3.50
C VAL A 57 -4.32 -3.74 2.39
N PRO A 58 -3.95 -3.46 1.16
CA PRO A 58 -4.82 -3.73 -0.01
C PRO A 58 -5.12 -5.21 -0.05
N PHE A 59 -6.40 -5.55 -0.29
CA PHE A 59 -6.82 -6.95 -0.05
C PHE A 59 -7.96 -7.37 -0.94
N ARG A 60 -7.78 -8.54 -1.58
CA ARG A 60 -8.91 -9.25 -2.15
C ARG A 60 -8.44 -10.70 -2.34
N ASP A 61 -9.24 -11.61 -1.79
CA ASP A 61 -8.92 -13.07 -1.87
C ASP A 61 -7.48 -13.44 -1.38
N ARG A 62 -7.09 -13.00 -0.19
CA ARG A 62 -5.73 -13.27 0.33
C ARG A 62 -5.86 -13.68 1.78
N PHE A 63 -6.94 -14.40 2.10
CA PHE A 63 -7.16 -14.71 3.51
C PHE A 63 -6.02 -15.55 4.07
N GLU A 64 -5.58 -16.59 3.35
CA GLU A 64 -4.46 -17.39 3.85
C GLU A 64 -3.19 -16.56 4.17
N GLU A 65 -2.86 -15.62 3.26
CA GLU A 65 -1.77 -14.64 3.47
C GLU A 65 -2.03 -13.80 4.68
N LEU A 66 -3.28 -13.29 4.81
CA LEU A 66 -3.64 -12.48 5.97
C LEU A 66 -3.41 -13.15 7.31
N LEU A 67 -3.68 -14.45 7.39
CA LEU A 67 -3.48 -15.18 8.63
C LEU A 67 -2.01 -15.29 9.03
N GLN A 68 -1.12 -15.25 8.06
CA GLN A 68 0.31 -15.19 8.34
C GLN A 68 0.73 -13.78 8.64
N PHE A 69 0.17 -12.86 7.86
CA PHE A 69 0.54 -11.40 8.02
C PHE A 69 0.29 -10.87 9.41
N VAL A 70 -0.92 -11.04 9.95
CA VAL A 70 -1.29 -10.38 11.19
C VAL A 70 -0.38 -10.73 12.40
N PRO A 71 -0.18 -12.04 12.66
CA PRO A 71 0.72 -12.33 13.80
C PRO A 71 2.14 -11.93 13.53
N HIS A 72 2.60 -12.06 12.28
CA HIS A 72 3.98 -11.73 11.99
C HIS A 72 4.23 -10.23 12.26
N MET A 73 3.38 -9.39 11.64
CA MET A 73 3.57 -7.94 11.76
C MET A 73 3.34 -7.43 13.15
N THR A 74 2.38 -8.01 13.87
CA THR A 74 2.08 -7.57 15.24
C THR A 74 3.33 -7.80 16.11
N ALA A 75 3.92 -8.99 16.00
CA ALA A 75 5.13 -9.31 16.82
C ALA A 75 6.32 -8.45 16.40
N PHE A 76 6.53 -8.32 15.10
CA PHE A 76 7.66 -7.55 14.54
C PHE A 76 7.60 -6.09 15.00
N LEU A 77 6.42 -5.50 14.91
CA LEU A 77 6.27 -4.07 15.27
C LEU A 77 6.34 -3.89 16.78
N LYS A 78 5.81 -4.84 17.54
CA LYS A 78 5.87 -4.73 19.00
C LYS A 78 7.31 -4.72 19.47
N ARG A 79 8.16 -5.50 18.82
CA ARG A 79 9.58 -5.54 19.18
C ARG A 79 10.29 -4.19 19.01
N GLN A 80 9.82 -3.39 18.05
CA GLN A 80 10.44 -2.09 17.89
C GLN A 80 9.59 -0.95 18.46
N GLY A 81 8.53 -1.29 19.15
CA GLY A 81 7.74 -0.32 19.94
C GLY A 81 6.87 0.57 19.08
N VAL A 82 6.53 0.09 17.88
CA VAL A 82 5.73 0.93 16.96
C VAL A 82 4.23 0.72 17.21
N ALA A 83 3.55 1.80 17.56
CA ALA A 83 2.15 1.71 17.87
C ALA A 83 1.43 1.77 16.50
N HIS A 84 0.39 0.95 16.30
CA HIS A 84 -0.14 0.84 14.95
C HIS A 84 -1.47 0.08 15.01
N HIS A 85 -2.17 0.08 13.88
CA HIS A 85 -3.37 -0.73 13.74
C HIS A 85 -3.45 -1.17 12.29
N ILE A 86 -3.88 -2.42 12.09
CA ILE A 86 -4.01 -2.97 10.72
C ILE A 86 -5.42 -2.77 10.16
N PHE A 87 -5.50 -2.14 8.98
CA PHE A 87 -6.75 -1.95 8.24
C PHE A 87 -6.66 -2.74 6.94
N VAL A 88 -7.51 -3.76 6.87
CA VAL A 88 -7.59 -4.58 5.67
C VAL A 88 -8.58 -3.95 4.72
N LEU A 89 -8.11 -3.66 3.50
CA LEU A 89 -8.88 -2.80 2.60
C LEU A 89 -9.44 -3.76 1.54
N ASN A 90 -10.62 -4.28 1.82
CA ASN A 90 -11.13 -5.49 1.09
C ASN A 90 -11.96 -4.99 -0.05
N GLN A 91 -11.47 -5.18 -1.27
CA GLN A 91 -12.17 -4.65 -2.46
C GLN A 91 -13.34 -5.57 -2.83
N VAL A 92 -14.57 -5.08 -2.62
CA VAL A 92 -15.74 -6.00 -2.82
C VAL A 92 -16.56 -5.68 -4.06
N ASP A 93 -16.22 -4.62 -4.81
CA ASP A 93 -16.80 -4.49 -6.13
C ASP A 93 -16.26 -5.61 -7.03
N ARG A 94 -16.78 -5.68 -8.25
CA ARG A 94 -16.35 -6.69 -9.16
C ARG A 94 -15.38 -6.19 -10.18
N PHE A 95 -14.84 -4.99 -10.01
CA PHE A 95 -13.84 -4.53 -10.98
C PHE A 95 -12.46 -5.12 -10.71
N ARG A 96 -11.54 -4.89 -11.62
CA ARG A 96 -10.13 -5.30 -11.41
C ARG A 96 -9.54 -4.68 -10.15
N PHE A 97 -8.53 -5.36 -9.62
CA PHE A 97 -7.97 -4.93 -8.36
C PHE A 97 -7.28 -3.55 -8.51
N ASN A 98 -7.58 -2.62 -7.59
CA ASN A 98 -7.02 -1.27 -7.71
C ASN A 98 -6.36 -0.92 -6.38
N ARG A 99 -5.11 -1.37 -6.24
CA ARG A 99 -4.36 -1.16 -5.04
C ARG A 99 -4.33 0.31 -4.60
N ALA A 100 -4.04 1.19 -5.53
CA ALA A 100 -3.89 2.66 -5.20
C ALA A 100 -5.18 3.28 -4.70
N SER A 101 -6.31 3.01 -5.33
CA SER A 101 -7.56 3.58 -4.82
C SER A 101 -7.95 3.01 -3.47
N LEU A 102 -7.68 1.69 -3.19
CA LEU A 102 -7.94 1.15 -1.90
C LEU A 102 -7.13 1.92 -0.86
N ILE A 103 -5.88 2.21 -1.20
CA ILE A 103 -5.02 2.92 -0.22
C ILE A 103 -5.60 4.33 0.02
N ASN A 104 -6.03 5.02 -1.04
CA ASN A 104 -6.74 6.32 -0.83
C ASN A 104 -7.92 6.18 0.14
N VAL A 105 -8.74 5.11 -0.03
CA VAL A 105 -9.93 4.93 0.81
C VAL A 105 -9.49 4.67 2.24
N GLY A 106 -8.51 3.79 2.44
CA GLY A 106 -7.93 3.51 3.74
C GLY A 106 -7.44 4.75 4.45
N PHE A 107 -6.74 5.60 3.68
CA PHE A 107 -6.26 6.85 4.26
C PHE A 107 -7.43 7.75 4.77
N GLN A 108 -8.46 7.88 3.95
CA GLN A 108 -9.65 8.64 4.34
C GLN A 108 -10.30 8.09 5.58
N PHE A 109 -10.45 6.77 5.64
CA PHE A 109 -11.11 6.16 6.78
C PHE A 109 -10.33 6.30 8.07
N ALA A 110 -9.02 6.04 8.02
CA ALA A 110 -8.22 5.99 9.24
C ALA A 110 -8.29 7.34 10.02
N SER A 111 -8.40 7.22 11.34
CA SER A 111 -8.55 8.41 12.23
C SER A 111 -7.28 9.28 12.14
N ASP A 112 -7.48 10.59 12.39
CA ASP A 112 -6.38 11.56 12.35
C ASP A 112 -5.34 11.21 13.42
N VAL A 113 -5.66 10.34 14.38
CA VAL A 113 -4.67 9.96 15.39
C VAL A 113 -3.44 9.26 14.75
N TYR A 114 -3.66 8.63 13.58
CA TYR A 114 -2.58 7.97 12.89
C TYR A 114 -1.87 9.04 12.07
N ASP A 115 -0.63 9.34 12.44
CA ASP A 115 0.09 10.45 11.81
C ASP A 115 0.98 9.98 10.67
N TYR A 116 1.00 8.67 10.44
CA TYR A 116 1.66 8.21 9.18
C TYR A 116 1.03 6.86 8.81
N ILE A 117 1.10 6.57 7.53
CA ILE A 117 0.57 5.33 6.99
C ILE A 117 1.69 4.44 6.51
N ALA A 118 1.41 3.12 6.49
CA ALA A 118 2.29 2.20 5.81
C ALA A 118 1.40 1.50 4.73
N MET A 119 1.66 1.76 3.46
CA MET A 119 1.02 1.06 2.32
C MET A 119 1.70 -0.29 2.35
N HIS A 120 0.98 -1.40 2.61
CA HIS A 120 1.73 -2.61 2.91
C HIS A 120 1.10 -3.84 2.18
N ASP A 121 1.83 -4.45 1.28
CA ASP A 121 1.35 -5.71 0.69
C ASP A 121 1.15 -6.76 1.72
N VAL A 122 0.13 -7.60 1.53
CA VAL A 122 -0.22 -8.58 2.60
C VAL A 122 0.75 -9.78 2.57
N ASP A 123 1.55 -9.91 1.50
CA ASP A 123 2.33 -11.15 1.28
C ASP A 123 3.83 -10.90 1.47
N LEU A 124 4.19 -9.73 2.02
CA LEU A 124 5.61 -9.36 2.02
C LEU A 124 6.04 -9.10 3.47
N LEU A 125 6.83 -9.98 4.09
CA LEU A 125 7.00 -9.92 5.56
C LEU A 125 8.47 -9.64 5.84
N PRO A 126 8.78 -8.65 6.69
CA PRO A 126 10.17 -8.28 6.97
C PRO A 126 10.82 -9.35 7.86
N LEU A 127 12.01 -9.81 7.49
CA LEU A 127 12.75 -10.81 8.29
C LEU A 127 13.92 -10.21 9.07
N ASN A 128 14.14 -8.91 8.92
CA ASN A 128 15.28 -8.22 9.52
C ASN A 128 14.77 -7.12 10.46
N ASP A 129 15.01 -7.26 11.78
CA ASP A 129 14.58 -6.25 12.78
C ASP A 129 15.17 -4.86 12.61
N ASN A 130 16.25 -4.71 11.82
CA ASN A 130 16.82 -3.38 11.56
C ASN A 130 16.04 -2.56 10.51
N LEU A 131 14.99 -3.19 9.91
CA LEU A 131 14.04 -2.46 9.08
C LEU A 131 13.08 -1.71 10.00
N LEU A 132 13.37 -0.43 10.22
CA LEU A 132 12.62 0.29 11.23
C LEU A 132 11.42 0.95 10.58
N TYR A 133 10.21 0.63 11.06
CA TYR A 133 8.95 1.23 10.55
C TYR A 133 8.65 2.53 11.26
N GLU A 134 9.58 3.46 11.16
CA GLU A 134 9.52 4.63 12.02
C GLU A 134 8.81 5.77 11.29
N TYR A 135 8.43 6.77 12.06
CA TYR A 135 7.84 7.98 11.50
C TYR A 135 8.82 8.56 10.48
N PRO A 136 8.36 8.81 9.22
CA PRO A 136 9.33 9.30 8.21
C PRO A 136 9.89 10.71 8.55
N SER A 137 11.07 10.99 8.08
CA SER A 137 11.67 12.37 8.24
C SER A 137 11.00 13.43 7.36
N SER A 138 11.43 14.70 7.46
CA SER A 138 10.85 15.74 6.63
C SER A 138 11.14 15.59 5.13
N LEU A 139 12.14 14.78 4.81
CA LEU A 139 12.51 14.56 3.43
C LEU A 139 11.43 13.95 2.57
N GLY A 140 10.62 13.07 3.16
CA GLY A 140 9.55 12.43 2.38
C GLY A 140 9.34 10.99 2.86
N PRO A 141 8.76 10.17 1.98
CA PRO A 141 8.40 8.81 2.36
C PRO A 141 9.59 7.93 2.67
N LEU A 142 9.37 6.94 3.54
CA LEU A 142 10.38 5.97 3.94
C LEU A 142 10.01 4.66 3.26
N HIS A 143 10.85 4.20 2.36
CA HIS A 143 10.54 2.99 1.60
C HIS A 143 11.26 1.83 2.21
N ILE A 144 10.51 0.96 2.88
CA ILE A 144 11.07 -0.23 3.59
C ILE A 144 11.57 -1.32 2.63
N ALA A 145 10.84 -1.55 1.53
CA ALA A 145 11.14 -2.66 0.57
C ALA A 145 12.00 -2.23 -0.58
N GLY A 146 13.14 -1.62 -0.25
CA GLY A 146 14.04 -1.05 -1.25
C GLY A 146 14.54 -2.03 -2.30
N PRO A 147 14.90 -1.49 -3.48
CA PRO A 147 15.29 -2.36 -4.62
C PRO A 147 16.55 -3.19 -4.39
N LYS A 148 17.33 -2.83 -3.38
CA LYS A 148 18.45 -3.73 -2.92
C LYS A 148 18.02 -4.84 -1.98
N LEU A 149 16.74 -4.81 -1.55
CA LEU A 149 16.26 -5.69 -0.48
C LEU A 149 15.06 -6.53 -0.91
N HIS A 150 14.27 -5.99 -1.82
CA HIS A 150 13.15 -6.72 -2.37
C HIS A 150 13.56 -7.96 -3.18
N PRO A 151 12.85 -9.08 -2.98
CA PRO A 151 13.27 -10.30 -3.68
C PRO A 151 13.06 -10.32 -5.17
N LYS A 152 12.24 -9.40 -5.70
CA LYS A 152 11.87 -9.48 -7.11
C LYS A 152 12.15 -8.22 -7.88
N TYR A 153 11.89 -7.06 -7.28
CA TYR A 153 12.01 -5.81 -8.01
C TYR A 153 13.22 -4.99 -7.60
N HIS A 154 14.06 -4.61 -8.57
CA HIS A 154 15.43 -4.19 -8.26
C HIS A 154 15.77 -2.89 -8.97
N TYR A 155 14.78 -2.22 -9.57
CA TYR A 155 15.06 -1.00 -10.25
C TYR A 155 15.10 0.22 -9.34
N ASP A 156 15.90 1.21 -9.73
CA ASP A 156 16.27 2.27 -8.79
C ASP A 156 15.09 2.96 -8.07
N ASN A 157 14.10 3.33 -8.84
CA ASN A 157 13.06 4.13 -8.24
C ASN A 157 11.82 3.33 -7.87
N PHE A 158 12.00 2.03 -7.69
CA PHE A 158 10.90 1.20 -7.21
C PHE A 158 10.49 1.66 -5.79
N VAL A 159 9.18 1.92 -5.60
CA VAL A 159 8.62 2.29 -4.30
C VAL A 159 7.46 1.36 -3.89
N GLY A 160 7.40 0.16 -4.47
CA GLY A 160 6.32 -0.78 -4.10
C GLY A 160 6.55 -1.57 -2.83
N GLY A 161 5.62 -2.50 -2.58
CA GLY A 161 5.74 -3.37 -1.42
C GLY A 161 5.33 -2.75 -0.12
N ILE A 162 6.21 -1.91 0.47
CA ILE A 162 5.99 -1.37 1.81
C ILE A 162 6.53 0.06 1.77
N LEU A 163 5.63 1.02 1.92
CA LEU A 163 6.04 2.43 1.78
C LEU A 163 5.35 3.22 2.84
N LEU A 164 6.13 3.97 3.62
CA LEU A 164 5.60 4.65 4.78
C LEU A 164 5.57 6.13 4.43
N VAL A 165 4.44 6.79 4.70
CA VAL A 165 4.24 8.19 4.32
C VAL A 165 3.56 8.95 5.43
N ARG A 166 4.14 10.12 5.78
CA ARG A 166 3.41 10.92 6.71
C ARG A 166 2.04 11.32 6.22
N ARG A 167 1.11 11.47 7.14
CA ARG A 167 -0.20 12.01 6.79
C ARG A 167 -0.09 13.29 5.92
N GLU A 168 0.73 14.28 6.34
CA GLU A 168 0.70 15.53 5.62
C GLU A 168 1.30 15.42 4.25
N HIS A 169 2.32 14.56 4.09
CA HIS A 169 2.91 14.37 2.77
C HIS A 169 1.90 13.72 1.82
N PHE A 170 1.19 12.73 2.34
CA PHE A 170 0.20 11.99 1.51
C PHE A 170 -0.89 12.99 1.05
N LYS A 171 -1.38 13.83 1.96
CA LYS A 171 -2.39 14.83 1.62
C LYS A 171 -1.84 15.87 0.62
N GLN A 172 -0.60 16.35 0.80
CA GLN A 172 0.05 17.30 -0.16
C GLN A 172 0.17 16.75 -1.56
N MET A 173 0.38 15.42 -1.63
CA MET A 173 0.48 14.74 -2.92
C MET A 173 -0.87 14.35 -3.53
N ASN A 174 -1.96 14.63 -2.83
CA ASN A 174 -3.30 14.22 -3.21
C ASN A 174 -3.34 12.71 -3.31
N GLY A 175 -2.66 12.05 -2.36
CA GLY A 175 -2.61 10.52 -2.37
C GLY A 175 -2.16 9.91 -3.68
N MET A 176 -2.74 8.74 -4.04
CA MET A 176 -2.31 8.06 -5.25
C MET A 176 -3.33 8.28 -6.36
N SER A 177 -2.89 8.00 -7.58
CA SER A 177 -3.80 8.02 -8.72
C SER A 177 -4.85 6.93 -8.55
N ASN A 178 -6.05 7.20 -9.09
CA ASN A 178 -7.14 6.22 -9.14
C ASN A 178 -7.22 5.44 -10.46
N GLN A 179 -6.37 5.74 -11.44
CA GLN A 179 -6.54 5.18 -12.82
C GLN A 179 -5.95 3.78 -13.02
N TYR A 180 -5.30 3.21 -12.00
CA TYR A 180 -4.59 1.94 -12.15
C TYR A 180 -5.44 0.78 -11.72
N TRP A 181 -6.11 0.15 -12.70
CA TRP A 181 -6.90 -1.04 -12.43
C TRP A 181 -6.12 -2.21 -13.00
N GLY A 182 -5.95 -3.26 -12.20
CA GLY A 182 -5.04 -4.34 -12.58
C GLY A 182 -3.62 -4.02 -12.13
N TRP A 183 -2.76 -5.03 -12.25
CA TRP A 183 -1.36 -4.92 -11.80
C TRP A 183 -0.59 -3.86 -12.57
N GLY A 184 0.25 -3.10 -11.83
CA GLY A 184 1.36 -2.36 -12.44
C GLY A 184 1.20 -0.85 -12.36
N LEU A 185 2.36 -0.17 -12.24
CA LEU A 185 2.48 1.27 -12.55
C LEU A 185 2.00 2.27 -11.51
N GLU A 186 1.14 1.85 -10.60
CA GLU A 186 0.54 2.86 -9.66
C GLU A 186 1.61 3.41 -8.73
N ASP A 187 2.56 2.55 -8.39
CA ASP A 187 3.63 2.92 -7.49
C ASP A 187 4.64 3.80 -8.22
N ASP A 188 4.94 3.48 -9.47
CA ASP A 188 5.80 4.36 -10.28
C ASP A 188 5.20 5.75 -10.49
N GLU A 189 3.88 5.81 -10.70
CA GLU A 189 3.26 7.15 -10.80
C GLU A 189 3.37 7.91 -9.48
N PHE A 190 3.17 7.22 -8.35
CA PHE A 190 3.29 7.83 -7.03
C PHE A 190 4.74 8.35 -6.83
N PHE A 191 5.73 7.65 -7.35
CA PHE A 191 7.13 8.15 -7.28
C PHE A 191 7.25 9.52 -7.91
N VAL A 192 6.63 9.69 -9.05
CA VAL A 192 6.63 11.03 -9.70
C VAL A 192 5.91 12.05 -8.85
N ARG A 193 4.79 11.68 -8.22
CA ARG A 193 4.11 12.55 -7.30
C ARG A 193 5.06 12.97 -6.17
N ILE A 194 5.88 12.06 -5.69
CA ILE A 194 6.83 12.37 -4.60
C ILE A 194 7.78 13.47 -5.12
N ARG A 195 8.40 13.24 -6.28
CA ARG A 195 9.33 14.25 -6.83
C ARG A 195 8.64 15.58 -7.15
N ASP A 196 7.44 15.52 -7.71
CA ASP A 196 6.68 16.75 -8.00
C ASP A 196 6.33 17.54 -6.76
N ALA A 197 6.18 16.88 -5.60
CA ALA A 197 5.93 17.63 -4.37
C ALA A 197 7.22 18.20 -3.74
N GLY A 198 8.35 17.97 -4.38
CA GLY A 198 9.63 18.45 -3.86
C GLY A 198 10.13 17.56 -2.76
N LEU A 199 9.64 16.30 -2.72
CA LEU A 199 9.98 15.37 -1.65
C LEU A 199 10.96 14.34 -2.21
N GLN A 200 11.48 13.47 -1.35
CA GLN A 200 12.46 12.47 -1.79
C GLN A 200 12.07 11.18 -1.06
N VAL A 201 12.61 10.07 -1.54
CA VAL A 201 12.40 8.77 -0.90
C VAL A 201 13.62 8.46 -0.05
N THR A 202 13.42 8.05 1.20
CA THR A 202 14.52 7.58 2.05
C THR A 202 14.38 6.07 2.26
N ARG A 203 15.48 5.36 2.49
CA ARG A 203 15.44 3.92 2.67
C ARG A 203 16.35 3.57 3.83
N PRO A 204 16.14 2.41 4.47
CA PRO A 204 16.95 1.90 5.58
C PRO A 204 18.42 1.88 5.17
N GLN A 205 19.28 2.34 6.07
CA GLN A 205 20.71 2.41 5.79
C GLN A 205 21.44 1.28 6.56
N ASN A 206 22.55 0.83 5.97
CA ASN A 206 23.42 -0.15 6.65
C ASN A 206 22.71 -1.49 6.91
N ILE A 207 21.73 -1.82 6.06
CA ILE A 207 21.11 -3.14 6.15
C ILE A 207 22.10 -4.09 5.49
N LYS A 208 22.37 -5.20 6.15
CA LYS A 208 23.41 -6.13 5.70
C LYS A 208 22.86 -7.35 4.95
N THR A 209 21.57 -7.63 5.12
CA THR A 209 20.89 -8.68 4.34
C THR A 209 20.60 -8.12 2.92
N GLY A 210 20.22 -8.99 1.99
CA GLY A 210 20.09 -8.60 0.60
C GLY A 210 18.78 -9.08 0.03
N THR A 211 18.74 -9.31 -1.28
CA THR A 211 17.48 -9.64 -1.95
C THR A 211 16.97 -11.05 -1.63
N ASN A 212 17.84 -11.93 -1.12
CA ASN A 212 17.43 -13.31 -0.80
C ASN A 212 16.93 -13.52 0.61
N ASP A 213 17.29 -12.63 1.54
CA ASP A 213 16.97 -12.87 2.95
C ASP A 213 16.48 -11.66 3.78
N THR A 214 16.03 -10.59 3.13
CA THR A 214 15.47 -9.48 3.90
C THR A 214 13.93 -9.62 4.11
N PHE A 215 13.26 -10.16 3.10
CA PHE A 215 11.83 -10.37 3.19
C PHE A 215 11.47 -11.81 2.84
N SER A 216 10.34 -12.25 3.38
CA SER A 216 9.64 -13.41 2.84
C SER A 216 8.59 -12.84 1.88
N HIS A 217 8.53 -13.33 0.65
CA HIS A 217 7.46 -12.93 -0.28
C HIS A 217 6.82 -14.19 -0.67
N ILE A 218 5.86 -14.66 0.11
CA ILE A 218 5.30 -15.97 -0.26
C ILE A 218 4.19 -15.62 -1.26
N HIS A 219 4.52 -15.77 -2.53
CA HIS A 219 3.57 -15.39 -3.58
C HIS A 219 3.99 -16.18 -4.78
N ASN A 220 3.25 -17.24 -5.02
CA ASN A 220 3.55 -18.06 -6.21
C ASN A 220 2.76 -17.49 -7.40
N ARG A 221 3.41 -17.19 -8.51
CA ARG A 221 2.75 -16.51 -9.62
C ARG A 221 1.61 -17.27 -10.30
N TYR A 222 1.50 -18.60 -10.08
CA TYR A 222 0.34 -19.32 -10.62
C TYR A 222 -0.78 -19.40 -9.59
N HIS A 223 -0.42 -19.38 -8.32
CA HIS A 223 -1.43 -19.47 -7.27
C HIS A 223 -2.17 -18.09 -7.19
N ARG A 224 -1.37 -17.02 -7.09
CA ARG A 224 -1.93 -15.66 -7.06
C ARG A 224 -1.49 -14.95 -8.35
N LYS A 225 -2.32 -15.03 -9.38
CA LYS A 225 -1.95 -14.54 -10.70
C LYS A 225 -2.01 -13.02 -10.73
N ARG A 226 -1.03 -12.41 -11.36
CA ARG A 226 -0.98 -10.96 -11.48
C ARG A 226 -1.82 -10.58 -12.67
N ASP A 227 -2.76 -9.68 -12.46
CA ASP A 227 -3.68 -9.28 -13.50
C ASP A 227 -3.04 -8.25 -14.46
N THR A 228 -2.40 -8.73 -15.53
CA THR A 228 -1.66 -7.84 -16.43
C THR A 228 -2.35 -7.66 -17.78
N GLN A 229 -3.63 -8.06 -17.85
CA GLN A 229 -4.43 -7.78 -19.02
C GLN A 229 -4.42 -6.30 -19.42
N LYS A 230 -4.50 -6.00 -20.72
CA LYS A 230 -4.73 -4.61 -21.13
C LYS A 230 -5.93 -4.55 -22.06
N CYS A 231 -6.76 -3.52 -21.97
CA CYS A 231 -7.87 -3.37 -22.92
C CYS A 231 -8.16 -1.88 -23.03
N PHE A 232 -8.93 -1.49 -24.06
CA PHE A 232 -9.24 -0.08 -24.33
C PHE A 232 -7.89 0.63 -24.45
N ASN A 233 -7.71 1.86 -24.07
CA ASN A 233 -6.28 2.15 -24.40
C ASN A 233 -5.47 2.13 -23.12
N GLN A 234 -5.56 1.03 -22.37
CA GLN A 234 -4.98 1.05 -21.03
C GLN A 234 -3.49 1.42 -21.06
N LYS A 235 -2.74 0.80 -21.97
CA LYS A 235 -1.28 0.91 -21.92
C LYS A 235 -0.89 2.37 -22.08
N GLU A 236 -1.45 3.00 -23.09
CA GLU A 236 -1.08 4.36 -23.37
C GLU A 236 -1.57 5.36 -22.32
N MET A 237 -2.80 5.18 -21.82
CA MET A 237 -3.28 6.05 -20.75
C MET A 237 -2.59 5.85 -19.37
N THR A 238 -2.33 4.63 -18.96
CA THR A 238 -1.75 4.45 -17.61
C THR A 238 -0.24 4.78 -17.51
N ARG A 239 0.40 4.87 -18.68
CA ARG A 239 1.81 5.29 -18.74
C ARG A 239 1.98 6.81 -18.56
N LYS A 240 0.91 7.57 -18.56
CA LYS A 240 1.05 9.00 -18.36
C LYS A 240 0.74 9.47 -16.94
N ARG A 241 1.53 10.45 -16.49
CA ARG A 241 1.36 11.08 -15.18
C ARG A 241 -0.10 11.56 -15.04
N ASP A 242 -0.74 11.31 -13.89
CA ASP A 242 -2.15 11.62 -13.70
C ASP A 242 -2.36 12.83 -12.79
N HIS A 243 -2.58 14.02 -13.37
CA HIS A 243 -2.84 15.21 -12.58
C HIS A 243 -4.31 15.36 -12.21
N LYS A 244 -5.18 14.49 -12.71
CA LYS A 244 -6.59 14.76 -12.53
C LYS A 244 -7.26 14.01 -11.40
N THR A 245 -6.67 12.89 -10.97
CA THR A 245 -7.33 12.10 -9.93
C THR A 245 -6.45 11.89 -8.69
N GLY A 246 -7.10 11.55 -7.59
CA GLY A 246 -6.39 11.14 -6.38
C GLY A 246 -7.30 11.05 -5.17
N LEU A 247 -6.70 11.30 -4.01
CA LEU A 247 -7.37 11.23 -2.76
C LEU A 247 -8.68 12.04 -2.77
N ASP A 248 -8.60 13.23 -3.35
CA ASP A 248 -9.72 14.16 -3.27
C ASP A 248 -10.90 13.79 -4.14
N ASN A 249 -10.71 12.88 -5.09
CA ASN A 249 -11.88 12.46 -5.90
C ASN A 249 -12.10 10.96 -6.08
N VAL A 250 -11.44 10.15 -5.24
CA VAL A 250 -11.72 8.70 -5.32
C VAL A 250 -13.21 8.46 -5.01
N LYS A 251 -13.87 7.64 -5.84
CA LYS A 251 -15.31 7.44 -5.74
C LYS A 251 -15.55 6.04 -5.18
N TYR A 252 -16.25 5.94 -4.07
CA TYR A 252 -16.39 4.64 -3.38
C TYR A 252 -17.48 4.69 -2.34
N LYS A 253 -17.87 3.51 -1.83
CA LYS A 253 -18.66 3.42 -0.62
C LYS A 253 -18.05 2.38 0.24
N ILE A 254 -17.98 2.62 1.55
CA ILE A 254 -17.65 1.53 2.49
C ILE A 254 -18.96 0.87 2.89
N LEU A 255 -19.18 -0.35 2.42
CA LEU A 255 -20.44 -1.04 2.71
C LEU A 255 -20.54 -1.56 4.12
N LYS A 256 -19.41 -1.94 4.71
CA LYS A 256 -19.41 -2.54 6.04
C LYS A 256 -18.03 -2.40 6.61
N VAL A 257 -17.98 -2.22 7.93
CA VAL A 257 -16.74 -2.20 8.70
C VAL A 257 -16.82 -3.37 9.67
N HIS A 258 -15.89 -4.29 9.58
CA HIS A 258 -15.90 -5.42 10.52
C HIS A 258 -14.77 -5.29 11.46
N GLU A 259 -15.05 -5.54 12.73
CA GLU A 259 -13.98 -5.66 13.74
C GLU A 259 -13.60 -7.12 13.94
N MET A 260 -12.34 -7.48 13.70
CA MET A 260 -11.97 -8.88 13.75
C MET A 260 -10.88 -8.98 14.82
N LEU A 261 -10.80 -10.12 15.50
CA LEU A 261 -9.66 -10.47 16.30
C LEU A 261 -9.13 -11.73 15.70
N ILE A 262 -7.82 -11.75 15.49
CA ILE A 262 -7.15 -12.96 15.06
C ILE A 262 -6.14 -13.35 16.13
N ASP A 263 -6.36 -14.51 16.77
CA ASP A 263 -5.63 -14.86 18.00
C ASP A 263 -5.38 -13.64 18.90
N GLN A 264 -6.46 -12.94 19.21
CA GLN A 264 -6.50 -11.80 20.17
C GLN A 264 -5.97 -10.50 19.61
N VAL A 265 -5.51 -10.45 18.36
CA VAL A 265 -5.01 -9.21 17.75
C VAL A 265 -6.16 -8.54 16.99
N PRO A 266 -6.52 -7.27 17.31
CA PRO A 266 -7.64 -6.60 16.69
C PRO A 266 -7.22 -6.09 15.30
N VAL A 267 -8.08 -6.27 14.29
CA VAL A 267 -7.78 -5.84 12.90
C VAL A 267 -9.13 -5.26 12.43
N THR A 268 -9.12 -4.19 11.66
CA THR A 268 -10.34 -3.66 11.07
C THR A 268 -10.43 -4.08 9.60
N ILE A 269 -11.60 -4.57 9.18
CA ILE A 269 -11.86 -4.87 7.76
C ILE A 269 -12.79 -3.83 7.19
N LEU A 270 -12.34 -3.16 6.15
CA LEU A 270 -13.22 -2.30 5.40
C LEU A 270 -13.66 -3.01 4.12
N ASN A 271 -14.98 -3.19 3.95
CA ASN A 271 -15.49 -3.69 2.67
C ASN A 271 -15.77 -2.52 1.77
N ILE A 272 -14.93 -2.35 0.76
CA ILE A 272 -14.91 -1.15 -0.06
C ILE A 272 -15.44 -1.46 -1.44
N LEU A 273 -16.50 -0.73 -1.79
CA LEU A 273 -17.06 -0.82 -3.12
C LEU A 273 -16.55 0.36 -3.96
N LEU A 274 -15.55 0.09 -4.81
CA LEU A 274 -15.02 1.15 -5.72
C LEU A 274 -15.96 1.33 -6.87
N ASP A 275 -16.12 2.57 -7.29
CA ASP A 275 -16.92 2.91 -8.42
C ASP A 275 -15.96 3.04 -9.59
N CYS A 276 -16.41 2.71 -10.80
CA CYS A 276 -15.61 2.97 -12.00
C CYS A 276 -16.42 3.81 -12.98
N ASP A 277 -15.79 4.83 -13.56
CA ASP A 277 -16.43 5.64 -14.58
C ASP A 277 -15.91 5.11 -15.84
N VAL A 278 -16.72 4.35 -16.58
CA VAL A 278 -16.23 3.72 -17.78
C VAL A 278 -16.01 4.68 -18.92
N ASN A 279 -16.45 5.92 -18.76
CA ASN A 279 -16.21 6.96 -19.77
C ASN A 279 -14.78 7.48 -19.62
N LYS A 280 -14.15 7.17 -18.48
CA LYS A 280 -12.75 7.60 -18.19
C LYS A 280 -11.78 6.42 -18.14
N THR A 281 -12.11 5.38 -17.37
CA THR A 281 -11.19 4.27 -17.21
C THR A 281 -11.89 2.92 -17.49
N PRO A 282 -12.23 2.66 -18.77
CA PRO A 282 -13.00 1.44 -19.00
C PRO A 282 -12.23 0.15 -18.81
N TRP A 283 -10.88 0.24 -18.72
CA TRP A 283 -10.04 -0.91 -18.38
C TRP A 283 -10.20 -1.34 -16.93
N CYS A 284 -11.14 -0.78 -16.18
CA CYS A 284 -11.54 -1.39 -14.90
C CYS A 284 -12.13 -2.77 -15.07
N ASP A 285 -12.54 -3.09 -16.31
CA ASP A 285 -13.15 -4.39 -16.53
C ASP A 285 -12.94 -4.78 -17.98
N CYS A 286 -12.09 -5.81 -18.22
CA CYS A 286 -11.75 -6.19 -19.59
C CYS A 286 -12.65 -7.33 -20.07
N SER A 287 -13.63 -7.73 -19.26
CA SER A 287 -14.49 -8.89 -19.59
C SER A 287 -15.38 -8.62 -20.83
#